data_2FOI
#
_entry.id   2FOI
#
_cell.length_a   130.861
_cell.length_b   130.861
_cell.length_c   82.687
_cell.angle_alpha   90.00
_cell.angle_beta   90.00
_cell.angle_gamma   90.00
#
_symmetry.space_group_name_H-M   'P 43 21 2'
#
loop_
_entity.id
_entity.type
_entity.pdbx_description
1 polymer 'enoyl-acyl carrier reductase'
2 polymer 'enoyl-acyl carrier reductase'
3 non-polymer NICOTINAMIDE-ADENINE-DINUCLEOTIDE
4 non-polymer "4-(2,4-DICHLOROPHENOXY)-2'-METHYLBIPHENYL-3-OL"
5 water water
#
loop_
_entity_poly.entity_id
_entity_poly.type
_entity_poly.pdbx_seq_one_letter_code
_entity_poly.pdbx_strand_id
1 'polypeptide(L)'
;EDICFIAGIGDTNGYGWGIAKELSKRNVKIIFGIWPPVYNIFMKNYKNGKFDNDMIIDKDKKMNILDMLPFDASFDTAND
IDEETKNNKRYNMLQNYTIEDVANLIHQKYGKINMLVHSLANAKEVQKDLLNTSRKGYLDALSKSSYSLISLCKYFVNIM
KPQSSIISLTYHASQKVVPGYGGGMSSAKAALESDTRVLAYHLGRNYNIRINTISAGPLKSRAATAINKLNNTYENNTNQ
NKNRNSHDVHNIMNNSGEKEEKKNSASQN
;
A,B
2 'polypeptide(L)' YTFIDYAIEYSEKYAPLRQKLLSTDIGSVASFLLSRESRAITGQTIYVDNGLNIMFLPDD C,D
#
# COMPACT_ATOMS: atom_id res chain seq x y z
N GLU A 1 0.70 -14.09 -19.55
CA GLU A 1 -0.25 -13.37 -20.43
C GLU A 1 -1.28 -12.54 -19.64
N ASP A 2 -0.89 -11.33 -19.25
CA ASP A 2 -1.76 -10.42 -18.53
C ASP A 2 -1.96 -9.13 -19.29
N ILE A 3 -3.18 -8.63 -19.29
CA ILE A 3 -3.51 -7.42 -20.01
C ILE A 3 -4.02 -6.32 -19.10
N CYS A 4 -3.54 -5.13 -19.35
CA CYS A 4 -3.98 -3.99 -18.59
C CYS A 4 -4.46 -2.88 -19.49
N PHE A 5 -5.71 -2.46 -19.28
CA PHE A 5 -6.21 -1.28 -19.95
C PHE A 5 -5.92 -0.05 -19.10
N ILE A 6 -5.12 0.87 -19.63
CA ILE A 6 -4.89 2.15 -18.95
C ILE A 6 -5.69 3.26 -19.65
N ALA A 7 -6.71 3.76 -18.98
CA ALA A 7 -7.58 4.79 -19.52
C ALA A 7 -7.10 6.16 -19.09
N GLY A 8 -6.67 6.99 -20.04
CA GLY A 8 -6.23 8.34 -19.69
C GLY A 8 -4.75 8.60 -19.86
N ILE A 9 -4.38 8.88 -21.09
CA ILE A 9 -3.01 9.17 -21.42
C ILE A 9 -3.09 10.01 -22.70
N GLY A 10 -2.30 11.07 -22.76
CA GLY A 10 -2.27 11.97 -23.92
C GLY A 10 -0.83 12.20 -24.32
N ASP A 11 0.09 11.69 -23.50
CA ASP A 11 1.50 11.92 -23.72
C ASP A 11 2.27 11.00 -22.78
N THR A 12 3.54 11.32 -22.55
CA THR A 12 4.37 10.50 -21.67
C THR A 12 4.79 11.22 -20.40
N ASN A 13 4.15 12.33 -20.10
CA ASN A 13 4.55 13.14 -18.96
C ASN A 13 3.65 12.97 -17.75
N GLY A 14 2.64 12.12 -17.90
CA GLY A 14 1.68 11.86 -16.84
C GLY A 14 1.90 10.54 -16.14
N TYR A 15 0.99 10.24 -15.21
CA TYR A 15 1.04 9.04 -14.41
C TYR A 15 0.70 7.78 -15.18
N GLY A 16 -0.21 7.88 -16.15
CA GLY A 16 -0.56 6.73 -16.98
C GLY A 16 0.68 6.13 -17.60
N TRP A 17 1.57 6.99 -18.13
CA TRP A 17 2.82 6.50 -18.72
C TRP A 17 3.72 5.80 -17.71
N GLY A 18 3.96 6.42 -16.57
CA GLY A 18 4.75 5.77 -15.53
C GLY A 18 4.20 4.40 -15.14
N ILE A 19 2.87 4.28 -15.16
CA ILE A 19 2.22 3.05 -14.75
C ILE A 19 2.48 2.02 -15.84
N ALA A 20 2.34 2.44 -17.10
CA ALA A 20 2.67 1.56 -18.24
C ALA A 20 4.11 1.07 -18.16
N LYS A 21 5.04 1.97 -17.85
CA LYS A 21 6.45 1.54 -17.83
C LYS A 21 6.73 0.46 -16.80
N GLU A 22 6.09 0.56 -15.62
CA GLU A 22 6.38 -0.35 -14.52
C GLU A 22 5.66 -1.68 -14.71
N LEU A 23 4.45 -1.62 -15.25
CA LEU A 23 3.79 -2.85 -15.59
C LEU A 23 4.63 -3.65 -16.61
N SER A 24 5.26 -2.96 -17.55
CA SER A 24 6.08 -3.64 -18.55
C SER A 24 7.20 -4.45 -17.91
N LYS A 25 7.75 -3.95 -16.81
CA LYS A 25 8.78 -4.69 -16.10
C LYS A 25 8.29 -6.10 -15.77
N ARG A 26 6.97 -6.27 -15.63
CA ARG A 26 6.36 -7.58 -15.32
C ARG A 26 5.77 -8.26 -16.55
N ASN A 27 6.18 -7.84 -17.74
CA ASN A 27 5.66 -8.38 -19.01
C ASN A 27 4.16 -8.26 -19.24
N VAL A 28 3.49 -7.24 -18.68
CA VAL A 28 2.05 -7.19 -18.90
C VAL A 28 1.77 -6.42 -20.19
N LYS A 29 0.78 -6.91 -20.95
CA LYS A 29 0.39 -6.28 -22.20
C LYS A 29 -0.39 -5.04 -21.86
N ILE A 30 -0.06 -3.92 -22.49
CA ILE A 30 -0.68 -2.66 -22.18
C ILE A 30 -1.55 -2.16 -23.32
N ILE A 31 -2.80 -1.77 -23.01
CA ILE A 31 -3.66 -1.12 -23.97
C ILE A 31 -4.02 0.27 -23.47
N PHE A 32 -3.79 1.29 -24.28
CA PHE A 32 -4.10 2.66 -23.88
C PHE A 32 -5.47 3.09 -24.36
N GLY A 33 -6.18 3.78 -23.48
CA GLY A 33 -7.40 4.48 -23.85
C GLY A 33 -7.07 5.96 -23.88
N ILE A 34 -7.29 6.58 -25.04
CA ILE A 34 -6.92 7.97 -25.25
C ILE A 34 -8.16 8.81 -25.54
N TRP A 35 -8.30 9.92 -24.81
CA TRP A 35 -9.34 10.91 -25.06
C TRP A 35 -9.32 11.31 -26.54
N PRO A 36 -10.44 11.09 -27.26
CA PRO A 36 -10.44 11.34 -28.71
C PRO A 36 -9.75 12.65 -29.19
N PRO A 37 -10.05 13.80 -28.57
CA PRO A 37 -9.44 15.05 -29.05
C PRO A 37 -7.92 15.03 -29.20
N VAL A 38 -7.22 14.18 -28.44
CA VAL A 38 -5.78 14.14 -28.60
C VAL A 38 -5.26 12.80 -29.13
N TYR A 39 -6.17 11.93 -29.56
CA TYR A 39 -5.80 10.61 -30.09
C TYR A 39 -4.97 10.64 -31.37
N ASN A 40 -5.33 11.50 -32.32
CA ASN A 40 -4.54 11.56 -33.55
C ASN A 40 -3.18 12.21 -33.30
N ILE A 41 -3.15 13.24 -32.47
CA ILE A 41 -1.88 13.84 -32.09
C ILE A 41 -0.97 12.77 -31.50
N PHE A 42 -1.55 11.93 -30.67
CA PHE A 42 -0.81 10.90 -29.99
C PHE A 42 -0.27 9.87 -30.99
N MET A 43 -1.12 9.41 -31.90
CA MET A 43 -0.71 8.39 -32.84
C MET A 43 0.45 8.89 -33.68
N LYS A 44 0.33 10.14 -34.12
CA LYS A 44 1.34 10.79 -34.95
C LYS A 44 2.66 10.84 -34.20
N ASN A 45 2.64 11.42 -33.01
CA ASN A 45 3.82 11.48 -32.19
C ASN A 45 4.47 10.10 -32.00
N TYR A 46 3.63 9.08 -31.81
CA TYR A 46 4.09 7.72 -31.61
C TYR A 46 4.72 7.13 -32.87
N LYS A 47 4.02 7.31 -33.99
CA LYS A 47 4.47 6.87 -35.30
C LYS A 47 5.79 7.56 -35.69
N ASN A 48 5.87 8.86 -35.41
CA ASN A 48 7.08 9.66 -35.66
C ASN A 48 8.22 9.46 -34.65
N GLY A 49 8.10 8.42 -33.82
CA GLY A 49 9.17 8.04 -32.90
C GLY A 49 9.49 8.96 -31.73
N LYS A 50 8.57 9.86 -31.37
CA LYS A 50 8.78 10.75 -30.22
C LYS A 50 8.79 10.06 -28.86
N PHE A 51 8.25 8.83 -28.80
CA PHE A 51 8.14 8.11 -27.53
C PHE A 51 9.11 6.93 -27.39
N ASP A 52 9.99 6.75 -28.37
CA ASP A 52 10.88 5.60 -28.40
C ASP A 52 11.78 5.55 -27.17
N ASN A 53 12.40 6.67 -26.82
CA ASN A 53 13.26 6.73 -25.65
C ASN A 53 12.43 6.46 -24.40
N ASP A 54 11.22 7.02 -24.39
CA ASP A 54 10.37 6.90 -23.23
C ASP A 54 9.79 5.52 -23.07
N MET A 55 9.96 4.66 -24.09
CA MET A 55 9.39 3.32 -24.09
C MET A 55 10.35 2.27 -23.57
N ILE A 56 11.63 2.63 -23.52
CA ILE A 56 12.63 1.64 -23.12
C ILE A 56 12.56 1.38 -21.62
N ILE A 57 12.25 0.14 -21.28
CA ILE A 57 12.30 -0.30 -19.90
C ILE A 57 13.74 -0.66 -19.64
N ASP A 58 14.34 0.03 -18.67
CA ASP A 58 15.76 -0.12 -18.38
C ASP A 58 16.24 -1.45 -18.96
N LYS A 59 15.67 -2.52 -18.41
CA LYS A 59 16.08 -3.89 -18.68
C LYS A 59 15.90 -4.31 -20.13
N ASP A 60 16.35 -3.48 -21.06
CA ASP A 60 16.44 -3.84 -22.48
C ASP A 60 15.22 -4.59 -23.01
N LYS A 61 14.04 -4.04 -22.70
CA LYS A 61 12.80 -4.42 -23.36
C LYS A 61 12.20 -3.12 -23.84
N LYS A 62 11.38 -3.21 -24.87
CA LYS A 62 10.58 -2.10 -25.32
C LYS A 62 9.26 -2.26 -24.56
N MET A 63 8.57 -1.16 -24.29
CA MET A 63 7.22 -1.26 -23.73
C MET A 63 6.36 -2.04 -24.70
N ASN A 64 5.68 -3.07 -24.21
CA ASN A 64 4.87 -3.90 -25.07
C ASN A 64 3.45 -3.33 -25.13
N ILE A 65 3.24 -2.43 -26.08
CA ILE A 65 1.93 -1.82 -26.30
C ILE A 65 1.07 -2.69 -27.22
N LEU A 66 0.14 -3.44 -26.62
CA LEU A 66 -0.79 -4.25 -27.40
C LEU A 66 -1.62 -3.43 -28.41
N ASP A 67 -2.11 -2.25 -27.99
CA ASP A 67 -3.02 -1.44 -28.81
C ASP A 67 -3.26 -0.07 -28.18
N MET A 68 -3.75 0.86 -29.00
CA MET A 68 -4.05 2.20 -28.57
C MET A 68 -5.38 2.61 -29.16
N LEU A 69 -6.33 2.91 -28.28
CA LEU A 69 -7.72 3.09 -28.71
C LEU A 69 -8.28 4.40 -28.24
N PRO A 70 -9.09 5.06 -29.08
CA PRO A 70 -9.79 6.26 -28.63
C PRO A 70 -10.76 5.89 -27.52
N PHE A 71 -10.89 6.78 -26.53
CA PHE A 71 -11.67 6.50 -25.33
C PHE A 71 -12.05 7.79 -24.65
N ASP A 72 -13.34 7.97 -24.45
CA ASP A 72 -13.87 9.19 -23.86
C ASP A 72 -14.78 8.80 -22.70
N ALA A 73 -14.38 9.19 -21.49
CA ALA A 73 -15.05 8.74 -20.28
C ALA A 73 -16.31 9.57 -19.95
N SER A 74 -16.70 10.44 -20.88
CA SER A 74 -17.89 11.30 -20.78
C SER A 74 -19.11 10.52 -21.23
N PHE A 75 -18.87 9.43 -21.98
CA PHE A 75 -19.92 8.73 -22.71
C PHE A 75 -19.98 7.25 -22.37
N ASP A 76 -21.08 6.80 -21.77
CA ASP A 76 -21.16 5.39 -21.35
C ASP A 76 -21.41 4.43 -22.50
N THR A 77 -22.43 4.73 -23.28
CA THR A 77 -22.82 3.87 -24.39
C THR A 77 -22.94 4.69 -25.67
N ALA A 78 -23.19 4.02 -26.79
CA ALA A 78 -23.23 4.70 -28.07
C ALA A 78 -24.34 5.77 -28.07
N ASN A 79 -25.46 5.48 -27.43
CA ASN A 79 -26.51 6.50 -27.40
C ASN A 79 -26.44 7.49 -26.25
N ASP A 80 -25.23 7.88 -25.84
CA ASP A 80 -25.08 9.01 -24.92
C ASP A 80 -24.40 10.10 -25.71
N ILE A 81 -23.91 9.68 -26.85
CA ILE A 81 -23.12 10.50 -27.74
C ILE A 81 -23.93 11.64 -28.40
N ASP A 82 -23.66 12.88 -27.98
CA ASP A 82 -24.41 14.06 -28.44
C ASP A 82 -24.00 14.57 -29.85
N GLU A 83 -24.96 15.20 -30.51
CA GLU A 83 -24.88 15.59 -31.94
C GLU A 83 -23.68 16.47 -32.32
N GLU A 84 -23.33 17.40 -31.43
CA GLU A 84 -22.27 18.37 -31.66
C GLU A 84 -20.89 17.72 -31.69
N THR A 85 -20.72 16.64 -30.93
CA THR A 85 -19.45 15.90 -30.95
C THR A 85 -19.48 14.81 -32.02
N LYS A 86 -20.68 14.34 -32.36
CA LYS A 86 -20.86 13.52 -33.58
C LYS A 86 -20.40 14.27 -34.86
N ASN A 87 -20.62 15.59 -34.89
CA ASN A 87 -20.10 16.44 -35.99
C ASN A 87 -18.79 17.16 -35.64
N ASN A 88 -18.22 16.87 -34.48
CA ASN A 88 -16.96 17.52 -34.12
C ASN A 88 -15.79 17.01 -34.96
N LYS A 89 -15.08 17.96 -35.56
CA LYS A 89 -13.88 17.72 -36.36
C LYS A 89 -12.99 16.57 -35.85
N ARG A 90 -12.79 16.51 -34.53
CA ARG A 90 -11.91 15.51 -33.93
C ARG A 90 -12.60 14.14 -33.77
N TYR A 91 -13.86 14.14 -33.40
CA TYR A 91 -14.55 12.88 -33.11
C TYR A 91 -15.08 12.13 -34.33
N ASN A 92 -15.66 12.85 -35.27
CA ASN A 92 -16.48 12.19 -36.31
C ASN A 92 -15.75 11.21 -37.24
N MET A 93 -14.42 11.22 -37.20
CA MET A 93 -13.62 10.29 -37.97
C MET A 93 -13.11 9.14 -37.09
N LEU A 94 -13.62 9.07 -35.86
CA LEU A 94 -13.30 7.96 -34.97
C LEU A 94 -14.60 7.32 -34.56
N GLN A 95 -14.54 6.06 -34.17
CA GLN A 95 -15.74 5.33 -33.82
C GLN A 95 -15.46 4.46 -32.58
N ASN A 96 -16.52 3.99 -31.92
CA ASN A 96 -16.39 3.03 -30.83
C ASN A 96 -15.51 3.46 -29.67
N TYR A 97 -15.68 4.72 -29.26
CA TYR A 97 -14.85 5.30 -28.21
C TYR A 97 -15.61 5.59 -26.91
N THR A 98 -16.84 5.11 -26.78
CA THR A 98 -17.58 5.20 -25.53
C THR A 98 -17.10 4.06 -24.66
N ILE A 99 -17.35 4.15 -23.37
CA ILE A 99 -16.82 3.20 -22.40
C ILE A 99 -17.26 1.79 -22.71
N GLU A 100 -18.55 1.61 -22.98
CA GLU A 100 -19.02 0.32 -23.46
C GLU A 100 -18.44 -0.11 -24.81
N ASP A 101 -18.33 0.81 -25.75
CA ASP A 101 -17.76 0.43 -27.02
C ASP A 101 -16.34 -0.08 -26.86
N VAL A 102 -15.53 0.53 -25.99
CA VAL A 102 -14.17 0.03 -25.87
C VAL A 102 -14.05 -1.25 -25.04
N ALA A 103 -14.84 -1.39 -23.99
CA ALA A 103 -14.96 -2.73 -23.39
C ALA A 103 -15.13 -3.79 -24.47
N ASN A 104 -16.07 -3.58 -25.37
CA ASN A 104 -16.41 -4.60 -26.35
C ASN A 104 -15.29 -4.84 -27.37
N LEU A 105 -14.76 -3.74 -27.91
CA LEU A 105 -13.68 -3.80 -28.87
C LEU A 105 -12.55 -4.63 -28.29
N ILE A 106 -12.09 -4.28 -27.08
CA ILE A 106 -10.98 -4.94 -26.44
C ILE A 106 -11.26 -6.43 -26.26
N HIS A 107 -12.41 -6.74 -25.68
CA HIS A 107 -12.85 -8.13 -25.50
C HIS A 107 -12.92 -8.90 -26.82
N GLN A 108 -13.42 -8.25 -27.87
CA GLN A 108 -13.53 -8.89 -29.17
C GLN A 108 -12.16 -9.23 -29.72
N LYS A 109 -11.20 -8.35 -29.47
CA LYS A 109 -9.87 -8.47 -30.08
C LYS A 109 -8.90 -9.30 -29.28
N TYR A 110 -8.96 -9.24 -27.96
CA TYR A 110 -7.91 -9.86 -27.17
C TYR A 110 -8.40 -10.77 -26.04
N GLY A 111 -9.70 -10.92 -25.89
CA GLY A 111 -10.20 -11.78 -24.82
C GLY A 111 -10.36 -11.03 -23.52
N LYS A 112 -10.37 -11.75 -22.40
CA LYS A 112 -10.53 -11.08 -21.10
C LYS A 112 -9.23 -10.49 -20.61
N ILE A 113 -9.32 -9.38 -19.88
CA ILE A 113 -8.14 -8.75 -19.26
C ILE A 113 -8.17 -8.98 -17.76
N ASN A 114 -7.15 -8.54 -17.04
CA ASN A 114 -7.18 -8.73 -15.60
C ASN A 114 -6.68 -7.55 -14.78
N MET A 115 -6.49 -6.43 -15.46
CA MET A 115 -5.94 -5.24 -14.87
C MET A 115 -6.54 -4.00 -15.53
N LEU A 116 -7.04 -3.08 -14.72
CA LEU A 116 -7.72 -1.92 -15.24
C LEU A 116 -7.16 -0.72 -14.51
N VAL A 117 -6.87 0.35 -15.25
CA VAL A 117 -6.39 1.58 -14.62
C VAL A 117 -7.23 2.76 -15.05
N HIS A 118 -7.83 3.43 -14.08
CA HIS A 118 -8.45 4.71 -14.33
C HIS A 118 -7.43 5.80 -14.02
N SER A 119 -7.02 6.55 -15.03
CA SER A 119 -5.98 7.57 -14.78
C SER A 119 -6.26 8.83 -15.57
N LEU A 120 -7.40 9.43 -15.29
CA LEU A 120 -7.81 10.57 -16.04
C LEU A 120 -8.68 11.36 -15.12
N ALA A 121 -8.77 12.65 -15.39
CA ALA A 121 -9.67 13.54 -14.69
C ALA A 121 -9.92 14.76 -15.57
N ASN A 122 -11.00 15.46 -15.31
CA ASN A 122 -11.31 16.68 -16.03
C ASN A 122 -12.39 17.47 -15.29
N ALA A 123 -12.34 18.78 -15.46
CA ALA A 123 -13.25 19.69 -14.81
C ALA A 123 -13.09 20.99 -15.56
N LYS A 124 -14.13 21.33 -16.33
CA LYS A 124 -14.16 22.56 -17.09
C LYS A 124 -13.81 23.79 -16.29
N GLU A 125 -14.16 23.84 -15.01
CA GLU A 125 -13.99 25.09 -14.24
C GLU A 125 -12.95 25.00 -13.14
N VAL A 126 -11.96 24.14 -13.33
CA VAL A 126 -10.91 23.95 -12.33
C VAL A 126 -10.22 25.28 -11.94
N GLN A 127 -10.24 26.25 -12.85
CA GLN A 127 -9.61 27.53 -12.57
C GLN A 127 -10.40 28.42 -11.59
N LYS A 128 -11.67 28.12 -11.38
CA LYS A 128 -12.51 28.88 -10.43
C LYS A 128 -12.46 28.20 -9.08
N ASP A 129 -12.78 28.91 -8.01
CA ASP A 129 -12.82 28.18 -6.76
C ASP A 129 -14.22 27.58 -6.50
N LEU A 130 -14.29 26.65 -5.55
CA LEU A 130 -15.50 25.86 -5.38
C LEU A 130 -16.72 26.77 -5.29
N LEU A 131 -16.61 27.82 -4.50
CA LEU A 131 -17.74 28.74 -4.32
C LEU A 131 -18.26 29.35 -5.62
N ASN A 132 -17.35 29.56 -6.56
CA ASN A 132 -17.69 30.24 -7.80
C ASN A 132 -17.93 29.28 -8.95
N THR A 133 -17.94 28.00 -8.64
CA THR A 133 -18.19 26.98 -9.64
C THR A 133 -19.68 26.82 -9.87
N SER A 134 -20.08 26.68 -11.12
CA SER A 134 -21.48 26.50 -11.48
C SER A 134 -21.86 25.02 -11.34
N ARG A 135 -23.16 24.75 -11.35
CA ARG A 135 -23.68 23.40 -11.33
C ARG A 135 -23.10 22.61 -12.50
N LYS A 136 -23.27 23.16 -13.69
CA LYS A 136 -22.80 22.53 -14.89
C LYS A 136 -21.33 22.14 -14.72
N GLY A 137 -20.52 23.09 -14.25
CA GLY A 137 -19.07 22.87 -14.10
C GLY A 137 -18.71 21.82 -13.08
N TYR A 138 -19.37 21.89 -11.93
CA TYR A 138 -19.19 20.92 -10.85
C TYR A 138 -19.50 19.52 -11.35
N LEU A 139 -20.69 19.39 -11.95
CA LEU A 139 -21.23 18.11 -12.38
C LEU A 139 -20.40 17.49 -13.50
N ASP A 140 -19.72 18.33 -14.28
CA ASP A 140 -18.82 17.84 -15.30
C ASP A 140 -17.56 17.29 -14.65
N ALA A 141 -17.13 17.94 -13.57
CA ALA A 141 -16.02 17.43 -12.78
C ALA A 141 -16.35 16.03 -12.27
N LEU A 142 -17.54 15.90 -11.69
CA LEU A 142 -17.95 14.62 -11.12
C LEU A 142 -18.18 13.53 -12.16
N SER A 143 -18.70 13.92 -13.31
CA SER A 143 -19.04 12.98 -14.35
C SER A 143 -17.78 12.41 -14.96
N LYS A 144 -16.94 13.32 -15.42
CA LYS A 144 -15.71 12.98 -16.05
C LYS A 144 -14.66 12.39 -15.06
N SER A 145 -14.61 12.84 -13.82
CA SER A 145 -13.53 12.34 -12.95
C SER A 145 -13.95 11.31 -11.90
N SER A 146 -15.24 11.19 -11.65
CA SER A 146 -15.72 10.28 -10.62
C SER A 146 -16.70 9.25 -11.17
N TYR A 147 -17.74 9.68 -11.90
CA TYR A 147 -18.68 8.68 -12.37
C TYR A 147 -17.95 7.80 -13.35
N SER A 148 -17.07 8.42 -14.13
CA SER A 148 -16.31 7.68 -15.13
C SER A 148 -15.70 6.40 -14.54
N LEU A 149 -15.37 6.39 -13.25
CA LEU A 149 -14.72 5.21 -12.66
C LEU A 149 -15.72 4.11 -12.39
N ILE A 150 -16.90 4.51 -11.93
CA ILE A 150 -17.98 3.55 -11.72
C ILE A 150 -18.34 2.89 -13.07
N SER A 151 -18.50 3.69 -14.10
CA SER A 151 -18.94 3.22 -15.40
C SER A 151 -17.91 2.26 -16.01
N LEU A 152 -16.64 2.65 -15.97
CA LEU A 152 -15.57 1.78 -16.38
C LEU A 152 -15.79 0.40 -15.73
N CYS A 153 -16.07 0.43 -14.43
CA CYS A 153 -16.08 -0.80 -13.67
C CYS A 153 -17.20 -1.68 -14.13
N LYS A 154 -18.35 -1.05 -14.36
CA LYS A 154 -19.55 -1.76 -14.71
C LYS A 154 -19.45 -2.41 -16.09
N TYR A 155 -18.78 -1.73 -17.02
CA TYR A 155 -18.65 -2.31 -18.33
C TYR A 155 -17.49 -3.31 -18.45
N PHE A 156 -16.43 -3.07 -17.68
CA PHE A 156 -15.27 -3.93 -17.80
C PHE A 156 -15.34 -5.18 -16.95
N VAL A 157 -16.10 -5.16 -15.86
CA VAL A 157 -16.10 -6.31 -15.00
C VAL A 157 -16.35 -7.56 -15.84
N ASN A 158 -17.23 -7.43 -16.81
CA ASN A 158 -17.66 -8.54 -17.65
C ASN A 158 -16.55 -9.10 -18.54
N ILE A 159 -15.59 -8.27 -18.89
CA ILE A 159 -14.48 -8.74 -19.68
C ILE A 159 -13.22 -8.96 -18.87
N MET A 160 -13.36 -9.09 -17.56
CA MET A 160 -12.20 -9.37 -16.72
C MET A 160 -12.28 -10.72 -16.02
N LYS A 161 -11.13 -11.35 -15.82
CA LYS A 161 -11.07 -12.58 -15.06
C LYS A 161 -11.22 -12.30 -13.57
N PRO A 162 -11.77 -13.26 -12.82
CA PRO A 162 -11.88 -13.04 -11.38
C PRO A 162 -10.48 -12.94 -10.78
N GLN A 163 -10.39 -12.36 -9.59
CA GLN A 163 -9.11 -12.05 -8.97
C GLN A 163 -8.39 -10.96 -9.75
N SER A 164 -9.09 -10.34 -10.69
CA SER A 164 -8.45 -9.29 -11.41
C SER A 164 -8.52 -7.97 -10.58
N SER A 165 -7.83 -6.94 -11.03
CA SER A 165 -7.62 -5.82 -10.13
C SER A 165 -7.71 -4.49 -10.86
N ILE A 166 -8.09 -3.46 -10.11
CA ILE A 166 -8.45 -2.14 -10.64
C ILE A 166 -7.91 -1.02 -9.76
N ILE A 167 -7.26 -0.04 -10.38
CA ILE A 167 -6.91 1.18 -9.65
C ILE A 167 -7.35 2.47 -10.33
N SER A 168 -7.34 3.53 -9.54
CA SER A 168 -7.51 4.86 -10.07
C SER A 168 -6.55 5.76 -9.29
N LEU A 169 -6.44 7.02 -9.70
CA LEU A 169 -5.54 7.99 -9.04
C LEU A 169 -6.32 9.10 -8.35
N THR A 170 -5.88 9.55 -7.19
CA THR A 170 -6.60 10.61 -6.52
C THR A 170 -5.62 11.63 -5.94
N TYR A 171 -6.13 12.66 -5.26
CA TYR A 171 -5.27 13.67 -4.72
C TYR A 171 -5.78 14.09 -3.32
N HIS A 172 -4.85 14.36 -2.41
CA HIS A 172 -5.17 14.65 -0.99
C HIS A 172 -6.13 15.83 -0.78
N ALA A 173 -6.26 16.70 -1.76
CA ALA A 173 -7.23 17.80 -1.70
C ALA A 173 -8.64 17.35 -1.30
N SER A 174 -8.99 16.10 -1.60
CA SER A 174 -10.27 15.51 -1.16
C SER A 174 -10.43 15.54 0.36
N GLN A 175 -9.32 15.45 1.09
CA GLN A 175 -9.36 15.36 2.55
C GLN A 175 -8.88 16.61 3.27
N LYS A 176 -8.03 17.39 2.61
CA LYS A 176 -7.46 18.58 3.21
C LYS A 176 -7.44 19.68 2.15
N VAL A 177 -7.89 20.86 2.54
CA VAL A 177 -8.10 21.88 1.52
C VAL A 177 -6.82 22.35 0.86
N VAL A 178 -6.75 22.17 -0.45
CA VAL A 178 -5.72 22.85 -1.19
C VAL A 178 -6.36 23.88 -2.10
N PRO A 179 -6.22 25.15 -1.71
CA PRO A 179 -6.72 26.32 -2.43
C PRO A 179 -6.10 26.30 -3.82
N GLY A 180 -6.95 26.42 -4.85
CA GLY A 180 -6.47 26.40 -6.23
C GLY A 180 -6.96 25.15 -6.93
N TYR A 181 -7.19 24.10 -6.17
CA TYR A 181 -7.67 22.86 -6.74
C TYR A 181 -9.18 22.99 -6.84
N GLY A 182 -9.64 23.80 -7.80
CA GLY A 182 -11.03 24.19 -7.87
C GLY A 182 -11.91 23.43 -8.84
N GLY A 183 -13.08 23.99 -9.11
CA GLY A 183 -14.00 23.45 -10.11
C GLY A 183 -14.73 22.21 -9.65
N GLY A 184 -14.60 21.86 -8.37
CA GLY A 184 -15.17 20.63 -7.89
C GLY A 184 -14.28 19.43 -8.14
N MET A 185 -13.04 19.67 -8.51
CA MET A 185 -12.09 18.56 -8.61
C MET A 185 -11.88 17.91 -7.23
N SER A 186 -11.71 18.74 -6.19
CA SER A 186 -11.63 18.22 -4.80
C SER A 186 -12.85 17.37 -4.43
N SER A 187 -14.04 17.85 -4.81
CA SER A 187 -15.27 17.12 -4.56
C SER A 187 -15.25 15.80 -5.32
N ALA A 188 -14.75 15.88 -6.55
CA ALA A 188 -14.71 14.72 -7.43
C ALA A 188 -13.81 13.65 -6.81
N LYS A 189 -12.66 14.07 -6.29
CA LYS A 189 -11.73 13.13 -5.69
C LYS A 189 -12.32 12.57 -4.39
N ALA A 190 -12.95 13.42 -3.59
CA ALA A 190 -13.68 12.94 -2.41
C ALA A 190 -14.63 11.81 -2.79
N ALA A 191 -15.42 12.02 -3.85
CA ALA A 191 -16.39 11.03 -4.25
C ALA A 191 -15.69 9.77 -4.73
N LEU A 192 -14.64 9.96 -5.54
CA LEU A 192 -13.84 8.86 -6.06
C LEU A 192 -13.29 8.00 -4.93
N GLU A 193 -12.79 8.64 -3.89
CA GLU A 193 -12.20 7.89 -2.81
C GLU A 193 -13.30 7.10 -2.04
N SER A 194 -14.49 7.67 -1.91
CA SER A 194 -15.61 6.96 -1.26
C SER A 194 -16.23 5.86 -2.15
N ASP A 195 -16.33 6.14 -3.44
CA ASP A 195 -16.80 5.16 -4.40
C ASP A 195 -15.87 3.95 -4.48
N THR A 196 -14.58 4.16 -4.23
CA THR A 196 -13.59 3.08 -4.24
C THR A 196 -13.97 2.06 -3.15
N ARG A 197 -14.45 2.57 -2.03
CA ARG A 197 -14.84 1.65 -0.96
C ARG A 197 -16.08 0.90 -1.39
N VAL A 198 -17.11 1.64 -1.78
CA VAL A 198 -18.38 1.03 -2.06
C VAL A 198 -18.23 0.06 -3.22
N LEU A 199 -17.51 0.47 -4.26
CA LEU A 199 -17.18 -0.44 -5.36
C LEU A 199 -16.43 -1.68 -4.86
N ALA A 200 -15.49 -1.47 -3.94
CA ALA A 200 -14.73 -2.59 -3.36
C ALA A 200 -15.63 -3.68 -2.70
N TYR A 201 -16.73 -3.26 -2.07
CA TYR A 201 -17.63 -4.22 -1.44
C TYR A 201 -18.37 -5.00 -2.51
N HIS A 202 -18.96 -4.28 -3.46
CA HIS A 202 -19.72 -4.93 -4.54
C HIS A 202 -18.84 -5.82 -5.43
N LEU A 203 -17.80 -5.26 -6.00
CA LEU A 203 -16.87 -6.03 -6.82
C LEU A 203 -16.22 -7.15 -6.05
N GLY A 204 -16.08 -6.94 -4.75
CA GLY A 204 -15.38 -7.93 -3.93
C GLY A 204 -16.29 -9.10 -3.65
N ARG A 205 -17.50 -8.79 -3.22
CA ARG A 205 -18.47 -9.81 -2.90
C ARG A 205 -18.93 -10.56 -4.16
N ASN A 206 -19.25 -9.81 -5.22
CA ASN A 206 -19.81 -10.45 -6.38
C ASN A 206 -18.80 -11.08 -7.30
N TYR A 207 -17.63 -10.47 -7.47
CA TYR A 207 -16.72 -10.94 -8.53
C TYR A 207 -15.36 -11.34 -8.05
N ASN A 208 -15.13 -11.19 -6.74
CA ASN A 208 -13.82 -11.40 -6.18
C ASN A 208 -12.79 -10.54 -6.88
N ILE A 209 -13.21 -9.35 -7.31
CA ILE A 209 -12.32 -8.42 -7.94
C ILE A 209 -11.99 -7.30 -6.97
N ARG A 210 -10.76 -6.80 -7.02
CA ARG A 210 -10.27 -5.79 -6.06
C ARG A 210 -10.23 -4.38 -6.65
N ILE A 211 -10.38 -3.37 -5.82
CA ILE A 211 -10.26 -2.01 -6.30
C ILE A 211 -9.66 -1.10 -5.21
N ASN A 212 -8.73 -0.25 -5.61
CA ASN A 212 -8.04 0.63 -4.72
C ASN A 212 -7.72 1.86 -5.51
N THR A 213 -7.30 2.92 -4.82
CA THR A 213 -6.94 4.16 -5.48
C THR A 213 -5.63 4.66 -4.88
N ILE A 214 -4.82 5.33 -5.68
CA ILE A 214 -3.54 5.81 -5.23
C ILE A 214 -3.60 7.31 -5.12
N SER A 215 -3.27 7.84 -3.96
CA SER A 215 -3.28 9.26 -3.78
C SER A 215 -1.85 9.71 -4.05
N ALA A 216 -1.63 10.24 -5.25
CA ALA A 216 -0.31 10.67 -5.65
C ALA A 216 0.01 12.11 -5.24
N GLY A 217 1.29 12.40 -5.15
CA GLY A 217 1.74 13.75 -4.87
C GLY A 217 2.01 14.32 -6.24
N PRO A 218 2.58 15.52 -6.29
CA PRO A 218 2.48 16.31 -7.54
C PRO A 218 3.53 15.95 -8.55
N LEU A 219 3.08 15.91 -9.80
CA LEU A 219 3.91 15.68 -10.96
C LEU A 219 3.48 16.69 -12.04
N LYS A 220 4.47 17.22 -12.76
CA LYS A 220 4.22 18.17 -13.83
C LYS A 220 3.73 17.49 -15.11
N SER A 221 2.46 17.11 -15.16
CA SER A 221 1.89 16.51 -16.36
C SER A 221 1.12 17.58 -17.12
N ARG A 222 0.57 17.23 -18.29
CA ARG A 222 -0.27 18.17 -19.04
C ARG A 222 -1.38 18.77 -18.19
N ALA A 223 -2.20 17.92 -17.57
CA ALA A 223 -3.39 18.41 -16.82
C ALA A 223 -3.00 19.26 -15.61
N ALA A 224 -1.94 18.86 -14.94
CA ALA A 224 -1.41 19.64 -13.83
C ALA A 224 -1.07 21.06 -14.28
N THR A 225 -0.36 21.20 -15.40
CA THR A 225 0.00 22.52 -15.92
C THR A 225 -1.26 23.32 -16.29
N ALA A 226 -2.33 22.60 -16.63
CA ALA A 226 -3.56 23.23 -17.08
C ALA A 226 -4.33 23.80 -15.90
N ILE A 227 -3.98 23.38 -14.68
CA ILE A 227 -4.64 23.93 -13.49
C ILE A 227 -4.50 25.45 -13.46
N ASN A 228 -3.32 25.93 -13.05
CA ASN A 228 -2.99 27.36 -13.17
C ASN A 228 -3.59 28.23 -12.07
N LYS A 229 -2.74 28.65 -11.12
CA LYS A 229 -3.19 29.46 -9.99
C LYS A 229 -2.42 30.79 -9.87
N GLU B 1 21.82 -7.73 -2.40
CA GLU B 1 22.16 -8.52 -1.19
C GLU B 1 21.42 -8.03 0.07
N ASP B 2 20.08 -8.05 0.03
CA ASP B 2 19.27 -7.46 1.09
C ASP B 2 19.27 -8.34 2.33
N ILE B 3 19.35 -7.70 3.50
CA ILE B 3 19.21 -8.43 4.74
C ILE B 3 18.11 -7.85 5.61
N CYS B 4 17.23 -8.71 6.10
CA CYS B 4 16.17 -8.28 6.98
C CYS B 4 16.26 -8.86 8.39
N PHE B 5 16.18 -8.00 9.39
CA PHE B 5 16.00 -8.48 10.76
C PHE B 5 14.52 -8.48 11.08
N ILE B 6 13.98 -9.66 11.39
CA ILE B 6 12.57 -9.78 11.77
C ILE B 6 12.42 -9.95 13.27
N ALA B 7 11.93 -8.93 13.98
CA ALA B 7 11.78 -8.99 15.44
C ALA B 7 10.39 -9.48 15.88
N GLY B 8 10.30 -10.75 16.26
CA GLY B 8 9.07 -11.28 16.84
C GLY B 8 8.59 -12.54 16.16
N ILE B 9 9.46 -13.54 16.07
CA ILE B 9 9.01 -14.85 15.63
C ILE B 9 9.16 -15.80 16.80
N GLY B 10 8.14 -16.60 17.06
CA GLY B 10 8.17 -17.56 18.15
C GLY B 10 7.78 -18.93 17.65
N ASP B 11 7.23 -18.97 16.44
CA ASP B 11 6.78 -20.22 15.86
C ASP B 11 6.49 -19.91 14.40
N THR B 12 5.74 -20.78 13.72
CA THR B 12 5.49 -20.58 12.31
C THR B 12 4.02 -20.28 12.04
N ASN B 13 3.30 -19.99 13.12
CA ASN B 13 1.87 -19.66 13.06
C ASN B 13 1.53 -18.16 13.07
N GLY B 14 2.54 -17.30 13.13
CA GLY B 14 2.34 -15.85 13.21
C GLY B 14 2.55 -15.10 11.90
N TYR B 15 2.48 -13.77 11.94
CA TYR B 15 2.74 -12.98 10.73
C TYR B 15 4.24 -12.86 10.46
N GLY B 16 5.04 -12.84 11.53
CA GLY B 16 6.48 -12.91 11.40
C GLY B 16 6.96 -13.97 10.42
N TRP B 17 6.44 -15.18 10.56
CA TRP B 17 6.84 -16.30 9.73
C TRP B 17 6.44 -16.06 8.26
N GLY B 18 5.17 -15.75 8.06
CA GLY B 18 4.65 -15.43 6.74
C GLY B 18 5.49 -14.34 6.08
N ILE B 19 5.91 -13.34 6.85
CA ILE B 19 6.80 -12.29 6.35
C ILE B 19 8.17 -12.87 5.93
N ALA B 20 8.68 -13.79 6.75
CA ALA B 20 9.92 -14.48 6.40
C ALA B 20 9.74 -15.31 5.12
N LYS B 21 8.64 -16.06 5.01
CA LYS B 21 8.43 -16.83 3.77
C LYS B 21 8.47 -15.92 2.55
N GLU B 22 7.62 -14.90 2.52
CA GLU B 22 7.53 -13.99 1.35
C GLU B 22 8.84 -13.27 1.08
N LEU B 23 9.58 -12.93 2.12
CA LEU B 23 10.86 -12.27 1.90
C LEU B 23 11.85 -13.24 1.24
N SER B 24 11.84 -14.51 1.65
CA SER B 24 12.66 -15.51 0.96
C SER B 24 12.36 -15.51 -0.54
N LYS B 25 11.08 -15.59 -0.90
CA LYS B 25 10.73 -15.58 -2.31
C LYS B 25 11.60 -14.58 -3.09
N ARG B 26 11.96 -13.46 -2.46
CA ARG B 26 12.76 -12.43 -3.13
C ARG B 26 14.25 -12.62 -2.87
N ASN B 27 14.60 -13.72 -2.20
CA ASN B 27 16.00 -14.03 -1.89
C ASN B 27 16.62 -13.06 -0.91
N VAL B 28 15.81 -12.42 -0.09
CA VAL B 28 16.41 -11.55 0.89
C VAL B 28 16.83 -12.39 2.11
N LYS B 29 17.96 -12.03 2.71
CA LYS B 29 18.52 -12.78 3.85
C LYS B 29 17.81 -12.44 5.13
N ILE B 30 17.38 -13.49 5.84
CA ILE B 30 16.54 -13.38 7.02
C ILE B 30 17.26 -13.70 8.33
N ILE B 31 17.14 -12.79 9.30
CA ILE B 31 17.72 -12.95 10.64
C ILE B 31 16.57 -12.82 11.62
N PHE B 32 16.42 -13.78 12.52
CA PHE B 32 15.31 -13.80 13.47
C PHE B 32 15.75 -13.39 14.84
N GLY B 33 15.01 -12.47 15.44
CA GLY B 33 15.19 -12.13 16.85
C GLY B 33 14.05 -12.79 17.62
N ILE B 34 14.39 -13.78 18.44
CA ILE B 34 13.42 -14.61 19.15
C ILE B 34 13.40 -14.20 20.61
N TRP B 35 12.20 -14.14 21.20
CA TRP B 35 12.04 -13.79 22.61
C TRP B 35 12.58 -14.97 23.44
N PRO B 36 13.39 -14.67 24.48
CA PRO B 36 14.02 -15.71 25.30
C PRO B 36 13.05 -16.70 25.96
N PRO B 37 11.89 -16.23 26.44
CA PRO B 37 10.93 -17.24 26.87
C PRO B 37 10.67 -18.40 25.88
N VAL B 38 10.75 -18.19 24.57
CA VAL B 38 10.51 -19.29 23.62
C VAL B 38 11.72 -19.64 22.76
N TYR B 39 12.89 -19.13 23.11
CA TYR B 39 14.04 -19.25 22.20
C TYR B 39 14.61 -20.66 22.11
N ASN B 40 14.92 -21.23 23.26
CA ASN B 40 15.52 -22.56 23.27
C ASN B 40 14.58 -23.53 22.62
N ILE B 41 13.27 -23.33 22.77
CA ILE B 41 12.33 -24.27 22.21
C ILE B 41 12.17 -24.08 20.72
N PHE B 42 12.30 -22.85 20.25
CA PHE B 42 12.21 -22.61 18.83
C PHE B 42 13.46 -23.23 18.21
N MET B 43 14.63 -22.90 18.72
CA MET B 43 15.86 -23.52 18.20
C MET B 43 15.72 -25.03 18.12
N LYS B 44 15.33 -25.65 19.23
CA LYS B 44 15.19 -27.10 19.32
C LYS B 44 14.30 -27.66 18.20
N ASN B 45 13.08 -27.15 18.09
CA ASN B 45 12.18 -27.53 17.00
C ASN B 45 12.76 -27.37 15.59
N TYR B 46 13.49 -26.29 15.37
CA TYR B 46 14.11 -26.03 14.09
C TYR B 46 15.13 -27.10 13.78
N LYS B 47 15.98 -27.36 14.77
CA LYS B 47 17.00 -28.39 14.70
C LYS B 47 16.38 -29.78 14.40
N ASN B 48 15.26 -30.09 15.05
CA ASN B 48 14.54 -31.36 14.79
C ASN B 48 13.71 -31.38 13.52
N GLY B 49 13.84 -30.32 12.71
CA GLY B 49 13.10 -30.21 11.46
C GLY B 49 11.59 -30.08 11.58
N LYS B 50 11.11 -29.60 12.72
CA LYS B 50 9.66 -29.43 12.92
C LYS B 50 9.12 -28.47 11.87
N PHE B 51 9.97 -27.52 11.48
CA PHE B 51 9.57 -26.42 10.62
C PHE B 51 9.81 -26.70 9.17
N ASP B 52 10.16 -27.95 8.87
CA ASP B 52 10.52 -28.30 7.50
C ASP B 52 9.37 -28.16 6.50
N ASN B 53 8.19 -28.69 6.82
CA ASN B 53 7.04 -28.49 5.95
C ASN B 53 6.76 -27.01 5.84
N ASP B 54 6.87 -26.33 6.97
CA ASP B 54 6.60 -24.90 7.01
C ASP B 54 7.60 -24.04 6.21
N MET B 55 8.86 -24.48 6.07
CA MET B 55 9.85 -23.66 5.38
C MET B 55 9.78 -23.81 3.88
N ILE B 56 8.74 -24.50 3.41
CA ILE B 56 8.60 -24.80 1.98
C ILE B 56 7.91 -23.68 1.21
N ILE B 57 8.69 -22.94 0.45
CA ILE B 57 8.16 -22.01 -0.53
C ILE B 57 7.84 -22.83 -1.78
N ASP B 58 6.58 -23.26 -1.90
CA ASP B 58 6.13 -24.13 -2.99
C ASP B 58 7.20 -24.33 -4.07
N LYS B 59 7.46 -23.25 -4.81
CA LYS B 59 8.43 -23.20 -5.90
C LYS B 59 9.78 -23.91 -5.62
N ASP B 60 9.71 -25.16 -5.15
CA ASP B 60 10.92 -25.95 -4.86
C ASP B 60 12.01 -25.08 -4.24
N LYS B 61 11.55 -24.08 -3.48
CA LYS B 61 12.41 -23.19 -2.71
C LYS B 61 12.28 -23.52 -1.23
N LYS B 62 13.43 -23.66 -0.60
CA LYS B 62 13.53 -23.88 0.83
C LYS B 62 13.74 -22.49 1.44
N MET B 63 13.13 -22.20 2.60
CA MET B 63 13.44 -20.93 3.28
C MET B 63 14.93 -20.87 3.63
N ASN B 64 15.52 -19.70 3.48
CA ASN B 64 16.93 -19.51 3.76
C ASN B 64 17.07 -18.61 4.99
N ILE B 65 17.53 -19.15 6.12
CA ILE B 65 17.60 -18.36 7.33
C ILE B 65 19.00 -18.03 7.78
N LEU B 66 19.41 -16.79 7.57
CA LEU B 66 20.78 -16.39 7.88
C LEU B 66 21.21 -16.68 9.31
N ASP B 67 20.33 -16.46 10.28
CA ASP B 67 20.74 -16.53 11.71
C ASP B 67 19.53 -16.49 12.63
N MET B 68 19.72 -16.84 13.89
CA MET B 68 18.64 -16.82 14.86
C MET B 68 19.20 -16.34 16.18
N LEU B 69 18.63 -15.29 16.72
CA LEU B 69 19.23 -14.63 17.86
C LEU B 69 18.23 -14.43 18.99
N PRO B 70 18.70 -14.53 20.24
CA PRO B 70 17.78 -14.22 21.31
C PRO B 70 17.63 -12.71 21.34
N PHE B 71 16.45 -12.24 21.73
CA PHE B 71 16.12 -10.82 21.59
C PHE B 71 14.91 -10.43 22.41
N ASP B 72 15.09 -9.46 23.28
CA ASP B 72 13.96 -9.00 24.06
C ASP B 72 13.82 -7.50 23.88
N ALA B 73 12.71 -7.11 23.26
CA ALA B 73 12.40 -5.71 22.96
C ALA B 73 12.05 -4.82 24.16
N SER B 74 12.00 -5.37 25.38
CA SER B 74 11.76 -4.56 26.59
C SER B 74 13.05 -3.85 26.97
N PHE B 75 14.16 -4.35 26.45
CA PHE B 75 15.46 -3.90 26.92
C PHE B 75 16.24 -3.14 25.85
N ASP B 76 16.53 -1.87 26.14
CA ASP B 76 17.23 -1.01 25.19
C ASP B 76 18.74 -1.27 25.16
N THR B 77 19.38 -1.12 26.31
CA THR B 77 20.80 -1.42 26.43
C THR B 77 20.94 -2.45 27.53
N ALA B 78 22.16 -2.97 27.71
CA ALA B 78 22.46 -3.96 28.73
C ALA B 78 22.27 -3.43 30.14
N ASN B 79 22.38 -2.12 30.29
CA ASN B 79 22.19 -1.54 31.61
C ASN B 79 20.72 -1.50 31.98
N ASP B 80 19.83 -1.76 31.03
CA ASP B 80 18.39 -1.74 31.31
C ASP B 80 17.95 -3.10 31.82
N ILE B 81 18.82 -4.10 31.72
CA ILE B 81 18.47 -5.40 32.25
C ILE B 81 18.53 -5.42 33.78
N ASP B 82 17.37 -5.62 34.41
CA ASP B 82 17.29 -5.76 35.87
C ASP B 82 17.91 -7.08 36.33
N GLU B 83 18.43 -7.13 37.56
CA GLU B 83 19.09 -8.33 38.05
C GLU B 83 18.25 -9.59 37.96
N GLU B 84 16.95 -9.48 38.27
CA GLU B 84 16.10 -10.67 38.31
C GLU B 84 16.01 -11.37 36.97
N THR B 85 15.62 -10.64 35.94
CA THR B 85 15.53 -11.27 34.62
C THR B 85 16.92 -11.68 34.12
N LYS B 86 17.94 -10.90 34.45
CA LYS B 86 19.34 -11.25 34.19
C LYS B 86 19.69 -12.64 34.74
N ASN B 87 19.17 -12.96 35.93
CA ASN B 87 19.40 -14.28 36.54
C ASN B 87 18.38 -15.35 36.18
N ASN B 88 17.31 -14.95 35.52
CA ASN B 88 16.23 -15.87 35.25
C ASN B 88 16.66 -17.13 34.51
N LYS B 89 15.99 -18.25 34.79
CA LYS B 89 16.25 -19.53 34.14
C LYS B 89 16.39 -19.39 32.62
N ARG B 90 15.50 -18.64 31.99
CA ARG B 90 15.47 -18.51 30.54
C ARG B 90 16.56 -17.58 29.98
N TYR B 91 16.93 -16.55 30.74
CA TYR B 91 17.87 -15.55 30.23
C TYR B 91 19.31 -15.78 30.67
N ASN B 92 19.48 -16.55 31.72
CA ASN B 92 20.79 -16.65 32.35
C ASN B 92 21.90 -17.07 31.38
N MET B 93 21.56 -17.98 30.48
CA MET B 93 22.50 -18.53 29.54
C MET B 93 22.75 -17.62 28.35
N LEU B 94 21.74 -16.87 27.93
CA LEU B 94 21.82 -16.06 26.73
C LEU B 94 22.45 -14.70 27.02
N GLN B 95 22.89 -14.02 25.96
CA GLN B 95 23.49 -12.69 26.09
C GLN B 95 23.29 -11.90 24.81
N ASN B 96 23.71 -10.64 24.81
CA ASN B 96 23.46 -9.76 23.64
C ASN B 96 22.04 -9.86 23.11
N TYR B 97 21.06 -9.59 23.97
CA TYR B 97 19.69 -9.73 23.52
C TYR B 97 18.91 -8.41 23.64
N THR B 98 19.56 -7.38 24.20
CA THR B 98 18.98 -6.05 24.22
C THR B 98 18.92 -5.50 22.83
N ILE B 99 18.21 -4.39 22.68
CA ILE B 99 18.01 -3.80 21.38
C ILE B 99 19.33 -3.26 20.86
N GLU B 100 20.07 -2.56 21.72
CA GLU B 100 21.39 -2.08 21.38
C GLU B 100 22.34 -3.25 21.03
N ASP B 101 22.39 -4.26 21.89
CA ASP B 101 23.31 -5.38 21.68
C ASP B 101 23.07 -6.15 20.38
N VAL B 102 21.81 -6.38 19.99
CA VAL B 102 21.59 -7.24 18.82
C VAL B 102 21.92 -6.46 17.57
N ALA B 103 21.73 -5.15 17.66
CA ALA B 103 22.15 -4.24 16.61
C ALA B 103 23.64 -4.43 16.36
N ASN B 104 24.46 -4.26 17.39
CA ASN B 104 25.92 -4.41 17.26
C ASN B 104 26.33 -5.79 16.73
N LEU B 105 25.77 -6.83 17.35
CA LEU B 105 26.03 -8.20 16.94
C LEU B 105 25.82 -8.32 15.43
N ILE B 106 24.62 -7.97 14.98
CA ILE B 106 24.30 -8.02 13.58
C ILE B 106 25.29 -7.19 12.72
N HIS B 107 25.63 -6.01 13.20
CA HIS B 107 26.57 -5.17 12.50
C HIS B 107 27.98 -5.75 12.46
N GLN B 108 28.34 -6.60 13.41
CA GLN B 108 29.65 -7.24 13.35
C GLN B 108 29.66 -8.46 12.44
N LYS B 109 28.69 -9.34 12.57
CA LYS B 109 28.69 -10.52 11.71
C LYS B 109 28.47 -10.16 10.25
N TYR B 110 27.58 -9.21 9.98
CA TYR B 110 27.10 -9.08 8.60
C TYR B 110 27.14 -7.69 7.96
N GLY B 111 27.60 -6.68 8.67
CA GLY B 111 27.54 -5.32 8.13
C GLY B 111 26.14 -4.71 8.18
N LYS B 112 25.99 -3.51 7.63
CA LYS B 112 24.71 -2.81 7.58
C LYS B 112 23.65 -3.66 6.90
N ILE B 113 22.41 -3.53 7.35
CA ILE B 113 21.30 -4.22 6.72
C ILE B 113 20.39 -3.17 6.08
N ASN B 114 19.26 -3.59 5.54
CA ASN B 114 18.41 -2.58 4.90
C ASN B 114 16.93 -2.83 5.04
N MET B 115 16.57 -3.87 5.77
CA MET B 115 15.18 -4.14 6.05
C MET B 115 15.04 -4.52 7.50
N LEU B 116 14.00 -3.99 8.15
CA LEU B 116 13.77 -4.19 9.56
C LEU B 116 12.29 -4.45 9.76
N VAL B 117 11.97 -5.48 10.52
CA VAL B 117 10.56 -5.79 10.77
C VAL B 117 10.28 -5.91 12.25
N HIS B 118 9.25 -5.19 12.68
CA HIS B 118 8.76 -5.21 14.04
C HIS B 118 7.45 -5.97 13.96
N SER B 119 7.44 -7.15 14.54
CA SER B 119 6.27 -7.98 14.50
C SER B 119 5.99 -8.56 15.87
N LEU B 120 5.86 -7.68 16.87
CA LEU B 120 5.76 -8.10 18.24
C LEU B 120 4.81 -7.20 19.03
N ALA B 121 4.17 -7.79 20.03
CA ALA B 121 3.33 -7.03 20.92
C ALA B 121 3.27 -7.83 22.19
N ASN B 122 2.84 -7.18 23.25
CA ASN B 122 2.64 -7.83 24.53
C ASN B 122 1.93 -6.89 25.47
N ALA B 123 1.14 -7.45 26.37
CA ALA B 123 0.41 -6.64 27.32
C ALA B 123 -0.15 -7.52 28.41
N LYS B 124 0.35 -7.30 29.61
CA LYS B 124 0.04 -8.12 30.75
C LYS B 124 -1.46 -8.26 31.02
N GLU B 125 -2.22 -7.22 30.71
CA GLU B 125 -3.63 -7.15 31.05
C GLU B 125 -4.59 -7.10 29.87
N VAL B 126 -4.25 -7.78 28.78
CA VAL B 126 -5.04 -7.76 27.56
C VAL B 126 -6.44 -8.27 27.85
N GLN B 127 -6.50 -9.20 28.80
CA GLN B 127 -7.76 -9.80 29.24
C GLN B 127 -8.71 -8.83 29.93
N LYS B 128 -8.18 -7.75 30.48
CA LYS B 128 -9.01 -6.77 31.17
C LYS B 128 -9.41 -5.67 30.18
N ASP B 129 -10.58 -5.09 30.36
CA ASP B 129 -10.97 -4.03 29.45
C ASP B 129 -10.34 -2.72 29.88
N LEU B 130 -10.28 -1.75 28.97
CA LEU B 130 -9.56 -0.49 29.19
C LEU B 130 -9.84 0.17 30.55
N LEU B 131 -11.12 0.42 30.86
CA LEU B 131 -11.51 0.97 32.14
C LEU B 131 -10.86 0.26 33.34
N ASN B 132 -10.71 -1.06 33.24
CA ASN B 132 -10.21 -1.83 34.37
C ASN B 132 -8.73 -2.15 34.30
N THR B 133 -8.05 -1.65 33.28
CA THR B 133 -6.61 -1.80 33.23
C THR B 133 -5.93 -0.90 34.26
N SER B 134 -4.90 -1.44 34.91
CA SER B 134 -4.13 -0.67 35.87
C SER B 134 -3.07 0.13 35.12
N ARG B 135 -2.56 1.16 35.78
CA ARG B 135 -1.48 1.98 35.25
C ARG B 135 -0.38 1.07 34.74
N LYS B 136 0.14 0.25 35.63
CA LYS B 136 1.19 -0.70 35.33
C LYS B 136 0.94 -1.47 34.03
N GLY B 137 -0.23 -2.09 33.91
CA GLY B 137 -0.51 -2.91 32.73
C GLY B 137 -0.55 -2.07 31.45
N TYR B 138 -1.20 -0.90 31.55
CA TYR B 138 -1.30 0.02 30.44
C TYR B 138 0.09 0.38 29.96
N LEU B 139 0.96 0.76 30.91
CA LEU B 139 2.28 1.21 30.55
C LEU B 139 3.07 0.07 30.00
N ASP B 140 2.85 -1.13 30.53
CA ASP B 140 3.45 -2.34 29.96
C ASP B 140 3.07 -2.47 28.47
N ALA B 141 1.79 -2.29 28.14
CA ALA B 141 1.33 -2.46 26.77
C ALA B 141 2.05 -1.46 25.84
N LEU B 142 2.19 -0.23 26.30
CA LEU B 142 2.86 0.78 25.48
C LEU B 142 4.35 0.55 25.37
N SER B 143 4.98 0.29 26.50
CA SER B 143 6.38 -0.11 26.51
C SER B 143 6.67 -1.20 25.50
N LYS B 144 6.02 -2.34 25.69
CA LYS B 144 6.34 -3.55 24.94
C LYS B 144 5.94 -3.46 23.46
N SER B 145 4.83 -2.77 23.17
CA SER B 145 4.21 -2.80 21.84
C SER B 145 4.41 -1.55 21.03
N SER B 146 4.63 -0.42 21.69
CA SER B 146 4.85 0.82 20.96
C SER B 146 6.28 1.34 21.09
N TYR B 147 6.76 1.57 22.32
CA TYR B 147 8.12 2.10 22.48
C TYR B 147 9.16 1.21 21.81
N SER B 148 8.95 -0.09 21.92
CA SER B 148 9.91 -1.03 21.40
C SER B 148 10.21 -0.71 19.94
N LEU B 149 9.19 -0.25 19.20
CA LEU B 149 9.42 0.15 17.84
C LEU B 149 10.35 1.33 17.72
N ILE B 150 10.10 2.36 18.53
CA ILE B 150 10.86 3.59 18.45
C ILE B 150 12.31 3.28 18.76
N SER B 151 12.51 2.47 19.80
CA SER B 151 13.84 2.12 20.24
C SER B 151 14.55 1.19 19.24
N LEU B 152 13.79 0.31 18.62
CA LEU B 152 14.35 -0.58 17.63
C LEU B 152 14.96 0.32 16.58
N CYS B 153 14.23 1.40 16.30
CA CYS B 153 14.63 2.34 15.27
C CYS B 153 15.89 3.11 15.67
N LYS B 154 15.93 3.68 16.87
CA LYS B 154 17.09 4.48 17.25
C LYS B 154 18.39 3.72 17.00
N TYR B 155 18.41 2.44 17.37
CA TYR B 155 19.65 1.68 17.33
C TYR B 155 19.94 1.06 15.96
N PHE B 156 18.92 0.53 15.31
CA PHE B 156 19.09 -0.14 14.03
C PHE B 156 19.31 0.88 12.93
N VAL B 157 18.92 2.11 13.18
CA VAL B 157 18.99 3.12 12.16
C VAL B 157 20.46 3.32 11.79
N ASN B 158 21.36 2.99 12.70
CA ASN B 158 22.79 3.18 12.46
C ASN B 158 23.47 1.99 11.83
N ILE B 159 22.76 0.88 11.71
CA ILE B 159 23.30 -0.26 11.00
C ILE B 159 22.54 -0.48 9.72
N MET B 160 21.76 0.51 9.28
CA MET B 160 20.99 0.42 8.03
C MET B 160 21.48 1.39 6.96
N LYS B 161 21.51 0.96 5.71
CA LYS B 161 21.94 1.82 4.63
C LYS B 161 20.87 2.90 4.39
N PRO B 162 21.26 4.03 3.78
CA PRO B 162 20.18 4.92 3.36
C PRO B 162 19.32 4.14 2.39
N GLN B 163 18.05 4.55 2.28
CA GLN B 163 17.08 3.88 1.41
C GLN B 163 16.46 2.60 2.00
N SER B 164 16.88 2.23 3.20
CA SER B 164 16.30 1.09 3.86
C SER B 164 14.87 1.38 4.29
N SER B 165 14.18 0.31 4.66
CA SER B 165 12.76 0.38 4.95
C SER B 165 12.39 -0.46 6.18
N ILE B 166 11.48 0.07 6.98
CA ILE B 166 11.13 -0.55 8.26
C ILE B 166 9.61 -0.71 8.28
N ILE B 167 9.11 -1.83 8.79
CA ILE B 167 7.67 -1.96 8.99
C ILE B 167 7.30 -2.58 10.34
N SER B 168 6.11 -2.25 10.83
CA SER B 168 5.55 -2.87 12.03
C SER B 168 4.16 -3.35 11.68
N LEU B 169 3.51 -4.10 12.59
CA LEU B 169 2.12 -4.56 12.41
C LEU B 169 1.19 -3.84 13.36
N THR B 170 0.04 -3.41 12.86
CA THR B 170 -0.97 -2.86 13.77
C THR B 170 -2.34 -3.52 13.61
N TYR B 171 -3.32 -3.04 14.38
CA TYR B 171 -4.66 -3.56 14.30
C TYR B 171 -5.73 -2.45 14.43
N HIS B 172 -6.81 -2.60 13.68
CA HIS B 172 -7.85 -1.57 13.53
C HIS B 172 -8.50 -1.06 14.84
N ALA B 173 -8.38 -1.80 15.95
CA ALA B 173 -8.98 -1.40 17.23
C ALA B 173 -8.41 -0.09 17.70
N SER B 174 -7.29 0.33 17.10
CA SER B 174 -6.73 1.63 17.41
C SER B 174 -7.69 2.71 16.95
N GLN B 175 -8.27 2.50 15.77
CA GLN B 175 -9.17 3.49 15.16
C GLN B 175 -10.67 3.28 15.45
N LYS B 176 -11.08 2.02 15.67
CA LYS B 176 -12.50 1.69 15.97
C LYS B 176 -12.59 0.71 17.11
N VAL B 177 -13.63 0.81 17.93
CA VAL B 177 -13.58 -0.03 19.13
C VAL B 177 -13.88 -1.52 18.87
N VAL B 178 -12.94 -2.37 19.24
CA VAL B 178 -13.24 -3.77 19.36
C VAL B 178 -13.17 -4.18 20.84
N PRO B 179 -14.34 -4.43 21.44
CA PRO B 179 -14.31 -4.83 22.85
C PRO B 179 -13.58 -6.16 22.96
N GLY B 180 -12.79 -6.33 24.02
CA GLY B 180 -12.00 -7.55 24.14
C GLY B 180 -10.56 -7.35 23.71
N TYR B 181 -10.28 -6.28 22.96
CA TYR B 181 -8.90 -5.92 22.69
C TYR B 181 -8.52 -4.95 23.78
N GLY B 182 -8.24 -5.48 24.96
CA GLY B 182 -8.01 -4.63 26.12
C GLY B 182 -6.56 -4.54 26.57
N GLY B 183 -6.37 -4.11 27.80
CA GLY B 183 -5.04 -4.11 28.37
C GLY B 183 -4.32 -2.86 27.96
N GLY B 184 -5.02 -2.01 27.23
CA GLY B 184 -4.38 -0.87 26.59
C GLY B 184 -3.69 -1.28 25.30
N MET B 185 -3.98 -2.48 24.80
CA MET B 185 -3.50 -2.85 23.46
C MET B 185 -3.97 -1.90 22.38
N SER B 186 -5.22 -1.44 22.50
CA SER B 186 -5.78 -0.54 21.52
C SER B 186 -5.03 0.78 21.58
N SER B 187 -4.74 1.21 22.80
CA SER B 187 -3.98 2.45 23.03
C SER B 187 -2.63 2.32 22.35
N ALA B 188 -1.96 1.18 22.59
CA ALA B 188 -0.62 0.95 22.07
C ALA B 188 -0.56 0.99 20.56
N LYS B 189 -1.58 0.43 19.89
CA LYS B 189 -1.65 0.48 18.42
C LYS B 189 -1.96 1.89 17.92
N ALA B 190 -2.77 2.65 18.66
CA ALA B 190 -3.00 4.06 18.29
C ALA B 190 -1.67 4.79 18.37
N ALA B 191 -0.95 4.56 19.47
CA ALA B 191 0.35 5.23 19.64
C ALA B 191 1.31 4.79 18.55
N LEU B 192 1.36 3.48 18.28
CA LEU B 192 2.23 2.98 17.23
C LEU B 192 1.92 3.57 15.81
N GLU B 193 0.65 3.80 15.50
CA GLU B 193 0.27 4.39 14.19
C GLU B 193 0.57 5.87 14.12
N SER B 194 0.50 6.56 15.27
CA SER B 194 1.00 7.93 15.38
C SER B 194 2.55 8.01 15.27
N ASP B 195 3.28 7.20 16.07
CA ASP B 195 4.76 7.16 16.01
C ASP B 195 5.27 6.76 14.61
N THR B 196 4.46 6.02 13.88
CA THR B 196 4.84 5.65 12.53
C THR B 196 4.97 6.91 11.64
N ARG B 197 4.12 7.91 11.85
CA ARG B 197 4.23 9.16 11.09
C ARG B 197 5.41 10.01 11.54
N VAL B 198 5.45 10.27 12.84
CA VAL B 198 6.55 11.05 13.41
C VAL B 198 7.92 10.52 13.07
N LEU B 199 8.12 9.22 13.28
CA LEU B 199 9.35 8.57 12.89
C LEU B 199 9.61 8.69 11.38
N ALA B 200 8.56 8.66 10.56
CA ALA B 200 8.79 8.72 9.12
C ALA B 200 9.34 10.09 8.74
N TYR B 201 8.88 11.11 9.45
CA TYR B 201 9.45 12.42 9.29
C TYR B 201 10.94 12.45 9.63
N HIS B 202 11.29 11.96 10.83
CA HIS B 202 12.66 12.07 11.32
C HIS B 202 13.60 11.17 10.51
N LEU B 203 13.13 9.98 10.21
CA LEU B 203 13.93 8.99 9.49
C LEU B 203 14.13 9.37 8.03
N GLY B 204 13.11 9.98 7.44
CA GLY B 204 13.15 10.33 6.05
C GLY B 204 14.11 11.47 5.87
N ARG B 205 13.85 12.57 6.57
CA ARG B 205 14.71 13.76 6.50
C ARG B 205 16.18 13.47 6.79
N ASN B 206 16.45 12.73 7.86
CA ASN B 206 17.81 12.54 8.33
C ASN B 206 18.55 11.33 7.76
N TYR B 207 17.84 10.25 7.49
CA TYR B 207 18.50 9.01 7.06
C TYR B 207 18.08 8.54 5.70
N ASN B 208 17.08 9.19 5.12
CA ASN B 208 16.48 8.67 3.89
C ASN B 208 15.94 7.24 4.07
N ILE B 209 15.39 6.97 5.26
CA ILE B 209 14.81 5.67 5.62
C ILE B 209 13.31 5.82 5.81
N ARG B 210 12.58 4.82 5.33
CA ARG B 210 11.13 4.85 5.33
C ARG B 210 10.58 3.91 6.37
N ILE B 211 9.40 4.25 6.90
CA ILE B 211 8.72 3.39 7.84
C ILE B 211 7.22 3.45 7.61
N ASN B 212 6.60 2.28 7.64
CA ASN B 212 5.17 2.16 7.50
C ASN B 212 4.64 1.11 8.46
N THR B 213 3.32 1.04 8.59
CA THR B 213 2.73 0.01 9.44
C THR B 213 1.62 -0.71 8.67
N ILE B 214 1.54 -2.03 8.88
CA ILE B 214 0.50 -2.82 8.26
C ILE B 214 -0.57 -3.17 9.27
N SER B 215 -1.81 -2.76 9.00
CA SER B 215 -2.94 -3.10 9.83
C SER B 215 -3.57 -4.40 9.29
N ALA B 216 -3.24 -5.50 9.95
CA ALA B 216 -3.63 -6.83 9.46
C ALA B 216 -5.00 -7.25 9.95
N GLY B 217 -5.64 -8.12 9.20
CA GLY B 217 -6.89 -8.74 9.63
C GLY B 217 -6.54 -9.83 10.64
N PRO B 218 -7.58 -10.53 11.15
CA PRO B 218 -7.28 -11.49 12.24
C PRO B 218 -6.64 -12.75 11.68
N LEU B 219 -5.69 -13.29 12.44
CA LEU B 219 -4.99 -14.52 12.09
C LEU B 219 -4.80 -15.36 13.35
N LYS B 220 -4.90 -16.69 13.23
CA LYS B 220 -4.92 -17.55 14.43
C LYS B 220 -3.51 -17.90 14.92
N SER B 221 -2.80 -16.89 15.38
CA SER B 221 -1.46 -17.06 15.88
C SER B 221 -1.48 -17.39 17.36
N ARG B 222 -0.32 -17.69 17.91
CA ARG B 222 -0.17 -17.97 19.33
C ARG B 222 -0.68 -16.79 20.17
N ALA B 223 -0.18 -15.59 19.92
CA ALA B 223 -0.61 -14.40 20.66
C ALA B 223 -2.12 -14.13 20.58
N ALA B 224 -2.70 -14.34 19.40
CA ALA B 224 -4.12 -14.15 19.19
C ALA B 224 -5.00 -14.99 20.15
N THR B 225 -4.53 -16.21 20.41
CA THR B 225 -5.25 -17.16 21.23
C THR B 225 -5.20 -16.77 22.70
N ALA B 226 -4.11 -16.13 23.10
CA ALA B 226 -3.90 -15.75 24.50
C ALA B 226 -4.83 -14.62 24.94
N ILE B 227 -5.65 -14.14 24.02
CA ILE B 227 -6.72 -13.23 24.38
C ILE B 227 -7.94 -14.08 24.75
N ASN B 228 -8.01 -14.51 26.00
CA ASN B 228 -9.17 -15.24 26.48
C ASN B 228 -10.39 -14.38 26.33
N LYS B 229 -11.21 -14.71 25.34
CA LYS B 229 -12.57 -14.17 25.26
C LYS B 229 -13.50 -15.33 24.93
N TYR C 1 4.78 31.04 -12.47
CA TYR C 1 5.25 29.62 -12.43
C TYR C 1 4.11 28.62 -12.08
N THR C 2 2.90 29.13 -11.92
CA THR C 2 1.69 28.32 -11.74
C THR C 2 1.65 27.36 -10.55
N PHE C 3 0.49 26.74 -10.41
CA PHE C 3 0.13 26.01 -9.22
C PHE C 3 0.89 24.73 -8.99
N ILE C 4 1.12 23.98 -10.07
CA ILE C 4 1.83 22.71 -9.97
C ILE C 4 3.28 22.93 -9.57
N ASP C 5 3.87 24.05 -9.99
CA ASP C 5 5.26 24.30 -9.65
C ASP C 5 5.39 24.65 -8.17
N TYR C 6 4.39 25.33 -7.61
CA TYR C 6 4.35 25.57 -6.19
C TYR C 6 4.26 24.25 -5.45
N ALA C 7 3.34 23.38 -5.89
CA ALA C 7 3.09 22.13 -5.18
C ALA C 7 4.31 21.22 -5.22
N ILE C 8 4.98 21.16 -6.37
CA ILE C 8 6.19 20.35 -6.49
C ILE C 8 7.31 20.91 -5.61
N GLU C 9 7.47 22.24 -5.64
CA GLU C 9 8.48 22.89 -4.80
C GLU C 9 8.24 22.73 -3.29
N TYR C 10 6.97 22.84 -2.87
CA TYR C 10 6.61 22.66 -1.48
C TYR C 10 6.87 21.22 -1.08
N SER C 11 6.36 20.30 -1.89
CA SER C 11 6.56 18.88 -1.63
C SER C 11 8.02 18.51 -1.42
N GLU C 12 8.91 19.06 -2.26
CA GLU C 12 10.31 18.70 -2.25
C GLU C 12 11.05 19.38 -1.10
N LYS C 13 10.44 20.43 -0.55
CA LYS C 13 11.05 21.13 0.57
C LYS C 13 10.61 20.46 1.88
N TYR C 14 9.36 20.02 1.92
CA TYR C 14 8.71 19.67 3.17
C TYR C 14 8.32 18.21 3.36
N ALA C 15 8.37 17.39 2.31
CA ALA C 15 7.95 16.01 2.45
C ALA C 15 9.01 15.27 3.25
N PRO C 16 8.59 14.31 4.10
CA PRO C 16 9.53 13.48 4.84
C PRO C 16 10.66 13.00 3.95
N LEU C 17 10.31 12.49 2.76
CA LEU C 17 11.29 12.05 1.77
C LEU C 17 11.69 13.13 0.76
N ARG C 18 12.99 13.42 0.72
CA ARG C 18 13.55 14.48 -0.10
C ARG C 18 13.57 14.28 -1.62
N GLN C 19 13.55 13.02 -2.08
CA GLN C 19 13.75 12.78 -3.50
C GLN C 19 12.63 13.33 -4.42
N LYS C 20 12.99 13.53 -5.69
CA LYS C 20 12.06 13.97 -6.71
C LYS C 20 11.11 12.82 -6.96
N LEU C 21 9.81 13.11 -6.91
CA LEU C 21 8.78 12.11 -7.10
C LEU C 21 8.61 11.82 -8.59
N LEU C 22 8.86 10.58 -8.99
CA LEU C 22 8.74 10.20 -10.40
C LEU C 22 7.39 9.51 -10.70
N SER C 23 6.93 9.60 -11.94
CA SER C 23 5.72 8.88 -12.28
C SER C 23 5.96 7.38 -12.13
N THR C 24 7.19 6.93 -12.31
CA THR C 24 7.44 5.50 -12.07
C THR C 24 7.38 5.09 -10.60
N ASP C 25 7.56 6.03 -9.68
CA ASP C 25 7.36 5.79 -8.25
C ASP C 25 5.92 5.42 -8.00
N ILE C 26 5.01 6.13 -8.66
CA ILE C 26 3.61 5.78 -8.60
C ILE C 26 3.37 4.48 -9.36
N GLY C 27 4.16 4.25 -10.41
CA GLY C 27 3.95 3.13 -11.31
C GLY C 27 4.24 1.81 -10.62
N SER C 28 5.32 1.80 -9.85
CA SER C 28 5.72 0.58 -9.14
C SER C 28 4.71 0.24 -8.04
N VAL C 29 4.01 1.25 -7.53
CA VAL C 29 2.96 1.00 -6.58
C VAL C 29 1.72 0.42 -7.27
N ALA C 30 1.32 1.03 -8.37
CA ALA C 30 0.19 0.55 -9.12
C ALA C 30 0.48 -0.88 -9.59
N SER C 31 1.72 -1.11 -10.00
CA SER C 31 2.13 -2.45 -10.41
C SER C 31 1.81 -3.46 -9.33
N PHE C 32 2.21 -3.12 -8.12
CA PHE C 32 2.01 -4.01 -7.00
C PHE C 32 0.54 -4.18 -6.66
N LEU C 33 -0.21 -3.07 -6.72
CA LEU C 33 -1.63 -3.10 -6.37
C LEU C 33 -2.42 -3.92 -7.38
N LEU C 34 -1.91 -3.97 -8.60
CA LEU C 34 -2.60 -4.67 -9.68
C LEU C 34 -2.27 -6.16 -9.69
N SER C 35 -1.39 -6.58 -8.80
CA SER C 35 -0.85 -7.93 -8.87
C SER C 35 -1.47 -8.75 -7.77
N ARG C 36 -1.26 -10.07 -7.81
CA ARG C 36 -1.70 -10.95 -6.75
C ARG C 36 -0.96 -10.71 -5.44
N GLU C 37 0.21 -10.09 -5.49
CA GLU C 37 0.94 -9.79 -4.25
C GLU C 37 0.10 -9.00 -3.24
N SER C 38 -0.91 -8.28 -3.75
CA SER C 38 -1.73 -7.45 -2.91
C SER C 38 -3.16 -7.98 -2.80
N ARG C 39 -3.35 -9.29 -3.02
CA ARG C 39 -4.66 -9.94 -2.97
C ARG C 39 -5.51 -9.60 -1.73
N ALA C 40 -4.88 -9.11 -0.67
CA ALA C 40 -5.65 -8.89 0.54
C ALA C 40 -5.94 -7.42 0.81
N ILE C 41 -5.56 -6.56 -0.12
CA ILE C 41 -5.86 -5.13 -0.02
C ILE C 41 -6.98 -4.72 -0.99
N THR C 42 -8.04 -4.11 -0.47
CA THR C 42 -9.01 -3.52 -1.36
C THR C 42 -9.77 -2.38 -0.69
N GLY C 43 -10.32 -1.48 -1.49
CA GLY C 43 -11.11 -0.36 -0.97
C GLY C 43 -10.24 0.70 -0.32
N GLN C 44 -8.94 0.64 -0.58
CA GLN C 44 -8.01 1.55 0.08
C GLN C 44 -7.58 2.77 -0.77
N THR C 45 -7.34 3.86 -0.08
CA THR C 45 -6.64 4.99 -0.65
C THR C 45 -5.19 4.85 -0.21
N ILE C 46 -4.28 4.62 -1.15
CA ILE C 46 -2.87 4.38 -0.79
C ILE C 46 -2.08 5.61 -1.18
N TYR C 47 -1.34 6.19 -0.24
CA TYR C 47 -0.63 7.45 -0.50
C TYR C 47 0.79 7.20 -1.00
N VAL C 48 1.06 7.72 -2.19
CA VAL C 48 2.37 7.63 -2.77
C VAL C 48 2.80 9.06 -3.09
N ASP C 49 3.41 9.70 -2.12
CA ASP C 49 3.56 11.15 -2.17
C ASP C 49 4.76 11.57 -1.37
N ASN C 50 5.73 10.66 -1.19
CA ASN C 50 6.92 10.94 -0.35
C ASN C 50 6.57 11.33 1.09
N GLY C 51 5.37 10.95 1.53
CA GLY C 51 4.91 11.15 2.91
C GLY C 51 4.28 12.50 3.22
N LEU C 52 4.22 13.38 2.23
CA LEU C 52 3.82 14.76 2.49
C LEU C 52 2.53 14.78 3.29
N ASN C 53 1.63 13.84 2.99
CA ASN C 53 0.30 13.85 3.60
C ASN C 53 0.27 13.74 5.13
N ILE C 54 1.39 13.33 5.74
CA ILE C 54 1.40 13.15 7.20
C ILE C 54 1.74 14.42 7.99
N MET C 55 2.25 15.44 7.31
CA MET C 55 2.70 16.65 7.98
C MET C 55 1.52 17.54 8.32
N PHE C 56 1.58 18.18 9.49
CA PHE C 56 0.68 19.28 9.80
C PHE C 56 1.40 20.56 9.47
N LEU C 57 2.35 20.93 10.32
CA LEU C 57 3.09 22.19 10.17
C LEU C 57 4.47 21.97 9.54
N PRO C 58 4.83 22.86 8.59
CA PRO C 58 6.18 23.06 8.07
C PRO C 58 7.23 23.34 9.15
N ASP C 59 8.49 23.45 8.75
CA ASP C 59 9.58 23.83 9.65
C ASP C 59 10.06 25.26 9.33
N ASP C 60 10.03 25.63 8.06
CA ASP C 60 10.25 27.01 7.65
C ASP C 60 8.90 27.73 7.62
N TYR D 1 -15.12 -20.38 22.61
CA TYR D 1 -14.34 -20.48 21.35
C TYR D 1 -13.54 -19.19 21.03
N THR D 2 -13.31 -18.38 22.06
CA THR D 2 -12.40 -17.22 22.02
C THR D 2 -12.69 -16.05 21.09
N PHE D 3 -11.97 -14.98 21.40
CA PHE D 3 -11.98 -13.73 20.69
C PHE D 3 -11.52 -13.88 19.24
N ILE D 4 -10.36 -14.50 19.04
CA ILE D 4 -9.81 -14.59 17.68
C ILE D 4 -10.70 -15.39 16.73
N ASP D 5 -11.42 -16.38 17.23
CA ASP D 5 -12.34 -17.16 16.40
C ASP D 5 -13.58 -16.37 15.96
N TYR D 6 -14.13 -15.58 16.85
CA TYR D 6 -15.16 -14.62 16.48
C TYR D 6 -14.60 -13.73 15.37
N ALA D 7 -13.44 -13.13 15.62
CA ALA D 7 -12.79 -12.24 14.65
C ALA D 7 -12.64 -12.86 13.24
N ILE D 8 -12.07 -14.07 13.17
CA ILE D 8 -11.87 -14.73 11.88
C ILE D 8 -13.21 -14.96 11.20
N GLU D 9 -14.16 -15.45 11.97
CA GLU D 9 -15.48 -15.80 11.47
C GLU D 9 -16.17 -14.58 10.89
N TYR D 10 -16.20 -13.52 11.67
CA TYR D 10 -16.78 -12.25 11.25
C TYR D 10 -16.12 -11.72 9.99
N SER D 11 -14.81 -11.85 9.91
CA SER D 11 -14.13 -11.29 8.76
C SER D 11 -14.41 -12.12 7.51
N GLU D 12 -14.42 -13.44 7.68
CA GLU D 12 -14.66 -14.31 6.54
C GLU D 12 -16.12 -14.23 6.07
N LYS D 13 -17.00 -13.76 6.93
CA LYS D 13 -18.38 -13.56 6.55
C LYS D 13 -18.58 -12.16 5.95
N TYR D 14 -18.03 -11.13 6.58
CA TYR D 14 -18.41 -9.79 6.24
C TYR D 14 -17.46 -8.97 5.41
N ALA D 15 -16.24 -9.47 5.17
CA ALA D 15 -15.25 -8.71 4.43
C ALA D 15 -15.65 -8.70 2.99
N PRO D 16 -15.26 -7.63 2.27
CA PRO D 16 -15.42 -7.55 0.84
C PRO D 16 -14.85 -8.79 0.15
N LEU D 17 -13.66 -9.21 0.57
CA LEU D 17 -13.01 -10.39 0.01
C LEU D 17 -13.21 -11.63 0.91
N ARG D 18 -13.74 -12.68 0.33
CA ARG D 18 -14.19 -13.85 1.09
C ARG D 18 -13.08 -14.83 1.45
N GLN D 19 -11.94 -14.75 0.76
CA GLN D 19 -10.89 -15.74 0.96
C GLN D 19 -10.45 -15.80 2.44
N LYS D 20 -9.85 -16.90 2.85
CA LYS D 20 -9.24 -16.97 4.17
C LYS D 20 -8.04 -16.06 4.13
N LEU D 21 -7.80 -15.31 5.21
CA LEU D 21 -6.67 -14.35 5.25
C LEU D 21 -5.46 -15.07 5.74
N LEU D 22 -4.37 -15.00 4.98
CA LEU D 22 -3.19 -15.81 5.26
C LEU D 22 -2.01 -14.99 5.68
N SER D 23 -1.21 -15.57 6.59
CA SER D 23 0.04 -14.97 7.01
C SER D 23 0.86 -14.47 5.84
N THR D 24 0.88 -15.25 4.77
CA THR D 24 1.66 -14.89 3.60
C THR D 24 1.00 -13.76 2.80
N ASP D 25 -0.28 -13.49 3.07
CA ASP D 25 -0.91 -12.33 2.42
C ASP D 25 -0.36 -11.04 3.00
N ILE D 26 -0.09 -11.02 4.30
CA ILE D 26 0.53 -9.84 4.87
C ILE D 26 1.99 -9.86 4.42
N GLY D 27 2.57 -11.06 4.40
CA GLY D 27 3.98 -11.20 4.15
C GLY D 27 4.41 -10.56 2.85
N SER D 28 3.58 -10.72 1.82
CA SER D 28 3.94 -10.20 0.52
C SER D 28 3.78 -8.69 0.48
N VAL D 29 2.86 -8.15 1.28
CA VAL D 29 2.70 -6.71 1.34
C VAL D 29 3.90 -6.17 2.12
N ALA D 30 4.28 -6.89 3.18
CA ALA D 30 5.45 -6.49 3.94
C ALA D 30 6.63 -6.42 3.01
N SER D 31 6.75 -7.43 2.17
CA SER D 31 7.84 -7.56 1.22
C SER D 31 7.92 -6.36 0.26
N PHE D 32 6.78 -5.98 -0.30
CA PHE D 32 6.70 -4.82 -1.17
C PHE D 32 7.07 -3.50 -0.45
N LEU D 33 6.55 -3.31 0.75
CA LEU D 33 6.89 -2.12 1.54
C LEU D 33 8.37 -2.04 1.84
N LEU D 34 8.98 -3.19 2.11
CA LEU D 34 10.39 -3.23 2.45
C LEU D 34 11.27 -3.00 1.24
N SER D 35 10.74 -3.32 0.07
CA SER D 35 11.51 -3.18 -1.14
C SER D 35 11.47 -1.73 -1.67
N ARG D 36 12.34 -1.48 -2.63
CA ARG D 36 12.40 -0.22 -3.35
C ARG D 36 11.15 0.11 -4.14
N GLU D 37 10.33 -0.88 -4.46
CA GLU D 37 9.12 -0.64 -5.24
C GLU D 37 8.17 0.37 -4.57
N SER D 38 8.35 0.55 -3.27
CA SER D 38 7.49 1.44 -2.51
C SER D 38 8.27 2.67 -2.04
N ARG D 39 9.28 3.06 -2.82
CA ARG D 39 10.18 4.15 -2.40
C ARG D 39 9.50 5.49 -2.09
N ALA D 40 8.29 5.72 -2.61
CA ALA D 40 7.55 6.97 -2.34
C ALA D 40 6.46 6.91 -1.24
N ILE D 41 6.37 5.77 -0.54
CA ILE D 41 5.40 5.56 0.54
C ILE D 41 6.11 5.53 1.88
N THR D 42 5.71 6.40 2.81
CA THR D 42 6.26 6.38 4.15
C THR D 42 5.27 7.00 5.11
N GLY D 43 5.22 6.49 6.34
CA GLY D 43 4.43 7.11 7.40
C GLY D 43 3.02 6.61 7.43
N GLN D 44 2.74 5.65 6.55
CA GLN D 44 1.40 5.13 6.34
C GLN D 44 1.04 3.90 7.15
N THR D 45 -0.26 3.78 7.38
CA THR D 45 -0.91 2.60 7.88
C THR D 45 -1.62 1.97 6.69
N ILE D 46 -1.07 0.87 6.17
CA ILE D 46 -1.61 0.15 5.03
C ILE D 46 -2.40 -1.07 5.51
N TYR D 47 -3.67 -1.14 5.14
CA TYR D 47 -4.59 -2.15 5.63
C TYR D 47 -4.55 -3.37 4.76
N VAL D 48 -4.30 -4.52 5.36
CA VAL D 48 -4.24 -5.77 4.62
C VAL D 48 -5.16 -6.72 5.40
N ASP D 49 -6.41 -6.80 4.97
CA ASP D 49 -7.42 -7.42 5.80
C ASP D 49 -8.67 -7.74 4.97
N ASN D 50 -8.48 -8.02 3.69
CA ASN D 50 -9.61 -8.28 2.78
C ASN D 50 -10.68 -7.18 2.82
N GLY D 51 -10.26 -5.98 3.20
CA GLY D 51 -11.13 -4.80 3.11
C GLY D 51 -12.13 -4.62 4.26
N LEU D 52 -12.08 -5.48 5.28
CA LEU D 52 -13.05 -5.39 6.39
C LEU D 52 -13.19 -3.97 6.89
N ASN D 53 -12.08 -3.23 6.98
CA ASN D 53 -12.11 -1.91 7.64
C ASN D 53 -13.00 -0.84 6.97
N ILE D 54 -13.41 -1.09 5.73
CA ILE D 54 -14.23 -0.11 5.02
C ILE D 54 -15.70 -0.28 5.33
N MET D 55 -16.05 -1.38 5.99
CA MET D 55 -17.48 -1.68 6.21
C MET D 55 -18.01 -0.91 7.41
N PHE D 56 -19.23 -0.39 7.33
CA PHE D 56 -19.87 0.21 8.50
C PHE D 56 -20.82 -0.80 9.11
N LEU D 57 -21.82 -1.16 8.34
CA LEU D 57 -22.85 -2.07 8.79
C LEU D 57 -22.66 -3.41 8.09
N PRO D 58 -22.99 -4.50 8.79
CA PRO D 58 -23.28 -5.79 8.17
C PRO D 58 -24.47 -5.68 7.21
N ASP D 59 -24.90 -6.81 6.67
CA ASP D 59 -26.02 -6.88 5.73
C ASP D 59 -26.99 -7.88 6.33
N ASP D 60 -26.48 -9.08 6.56
CA ASP D 60 -27.15 -10.13 7.30
C ASP D 60 -27.24 -9.67 8.76
#